data_2CII
#
_entry.id   2CII
#
_cell.length_a   60.996
_cell.length_b   58.450
_cell.length_c   73.534
_cell.angle_alpha   90.00
_cell.angle_beta   106.77
_cell.angle_gamma   90.00
#
_symmetry.space_group_name_H-M   'P 1 21 1'
#
loop_
_entity.id
_entity.type
_entity.pdbx_description
1 polymer 'H-2 CLASS I HISTOCOMPATIBILITY ANTIGEN D-B ALPHA CHAIN'
2 polymer BETA-2-MICROGLOBULIN
3 polymer NUCLEOPROTEIN
4 non-polymer GLYCEROL
5 water water
#
loop_
_entity_poly.entity_id
_entity_poly.type
_entity_poly.pdbx_seq_one_letter_code
_entity_poly.pdbx_strand_id
1 'polypeptide(L)'
;GPHSMRYFETAVSRPGLEEPRYISVGYVDNKEFVRFDSDAENPRYEPRAPWMEQEGPEYWERETQKAKGQEQWFRVSLRN
LLGYYNQSAGGSHTLQQMSGCDLGSDWRLLRGYLQFAYEGRDYIALNEDLKTWTAADMAAQITRRKWEQSGAAEHYKAYL
EGECVEWLHRYLKNGNATLLRTDSPKAHVTHHPRSKGEVTLRCWALGFYPADITLTWALNGEELTQDMELVETRPAGDGT
FQKWASVVVPLGKEQNYTCRVYHEGLPEPLTLRWE
;
A
2 'polypeptide(L)'
;IQRTPKIQVYSRHPAENGKSNFLNCYVSGFHPSDIEVDLLKNGERIEKVEHSDLSFSKDWSFYLLYYTEFTPTEKDEYAC
RVNHVTLSQPKIVKWDRDM
;
B
3 'polypeptide(L)' FAPGNYPAL C
#
# COMPACT_ATOMS: atom_id res chain seq x y z
N GLY A 1 -12.41 -15.76 -4.77
CA GLY A 1 -10.99 -16.15 -5.05
C GLY A 1 -10.42 -15.39 -6.23
N PRO A 2 -9.12 -15.10 -6.22
CA PRO A 2 -8.20 -15.46 -5.14
C PRO A 2 -8.43 -14.77 -3.77
N HIS A 3 -7.72 -15.24 -2.76
CA HIS A 3 -7.81 -14.69 -1.41
C HIS A 3 -6.43 -14.75 -0.78
N SER A 4 -6.16 -13.85 0.15
CA SER A 4 -4.86 -13.82 0.78
C SER A 4 -4.79 -13.16 2.13
N MET A 5 -3.73 -13.50 2.85
CA MET A 5 -3.46 -12.92 4.14
C MET A 5 -2.01 -12.53 4.04
N ARG A 6 -1.67 -11.39 4.63
CA ARG A 6 -0.30 -10.92 4.62
C ARG A 6 0.02 -10.16 5.88
N TYR A 7 1.24 -10.28 6.35
CA TYR A 7 1.68 -9.53 7.50
C TYR A 7 2.85 -8.71 6.99
N PHE A 8 2.75 -7.39 7.16
CA PHE A 8 3.81 -6.49 6.73
C PHE A 8 4.52 -5.97 7.95
N GLU A 9 5.74 -6.45 8.16
CA GLU A 9 6.52 -6.04 9.31
C GLU A 9 7.70 -5.13 8.97
N THR A 10 7.75 -3.99 9.65
CA THR A 10 8.81 -3.03 9.43
C THR A 10 9.50 -2.75 10.75
N ALA A 11 10.81 -2.59 10.69
CA ALA A 11 11.58 -2.28 11.88
C ALA A 11 12.61 -1.23 11.49
N VAL A 12 12.61 -0.13 12.23
CA VAL A 12 13.53 0.95 11.94
C VAL A 12 14.39 1.24 13.17
N SER A 13 15.70 1.11 13.03
CA SER A 13 16.58 1.35 14.16
C SER A 13 16.84 2.86 14.27
N ARG A 14 16.85 3.35 15.50
CA ARG A 14 17.06 4.76 15.76
C ARG A 14 18.32 4.98 16.57
N PRO A 15 19.06 6.05 16.27
CA PRO A 15 20.30 6.39 16.96
C PRO A 15 20.13 6.65 18.46
N GLY A 16 21.11 6.22 19.24
CA GLY A 16 21.06 6.43 20.68
C GLY A 16 20.12 5.53 21.47
N LEU A 17 19.05 5.06 20.84
CA LEU A 17 18.09 4.18 21.50
C LEU A 17 18.25 2.79 20.87
N GLU A 18 18.97 1.92 21.56
CA GLU A 18 19.24 0.59 21.04
C GLU A 18 18.05 -0.36 20.99
N GLU A 19 16.86 0.22 20.81
CA GLU A 19 15.63 -0.56 20.68
C GLU A 19 15.02 -0.08 19.38
N PRO A 20 14.85 -0.98 18.41
CA PRO A 20 14.26 -0.59 17.13
C PRO A 20 12.77 -0.37 17.25
N ARG A 21 12.20 0.38 16.31
CA ARG A 21 10.77 0.57 16.32
C ARG A 21 10.21 -0.55 15.45
N TYR A 22 9.24 -1.28 15.98
CA TYR A 22 8.66 -2.40 15.25
C TYR A 22 7.19 -2.16 14.91
N ILE A 23 6.87 -2.20 13.63
CA ILE A 23 5.49 -2.02 13.19
C ILE A 23 5.03 -3.19 12.33
N SER A 24 4.01 -3.89 12.80
CA SER A 24 3.49 -5.02 12.04
C SER A 24 2.03 -4.79 11.72
N VAL A 25 1.65 -5.05 10.47
CA VAL A 25 0.27 -4.84 10.05
C VAL A 25 -0.20 -6.08 9.29
N GLY A 26 -1.43 -6.49 9.57
CA GLY A 26 -1.97 -7.68 8.92
C GLY A 26 -3.11 -7.31 7.99
N TYR A 27 -3.17 -7.98 6.85
CA TYR A 27 -4.21 -7.71 5.88
C TYR A 27 -4.83 -9.00 5.40
N VAL A 28 -6.07 -8.89 4.97
CA VAL A 28 -6.80 -10.02 4.41
C VAL A 28 -7.34 -9.46 3.10
N ASP A 29 -7.17 -10.19 2.00
CA ASP A 29 -7.61 -9.70 0.70
C ASP A 29 -7.18 -8.24 0.58
N ASN A 30 -6.08 -7.93 1.27
CA ASN A 30 -5.51 -6.59 1.26
C ASN A 30 -6.20 -5.53 2.12
N LYS A 31 -7.01 -5.95 3.09
CA LYS A 31 -7.67 -5.02 3.99
C LYS A 31 -7.00 -5.18 5.36
N GLU A 32 -6.64 -4.06 5.99
CA GLU A 32 -5.99 -4.10 7.29
C GLU A 32 -6.99 -4.55 8.37
N PHE A 33 -6.60 -5.55 9.15
CA PHE A 33 -7.49 -6.05 10.19
C PHE A 33 -6.83 -6.16 11.56
N VAL A 34 -5.50 -6.05 11.61
CA VAL A 34 -4.75 -6.09 12.86
C VAL A 34 -3.48 -5.26 12.73
N ARG A 35 -3.04 -4.68 13.84
CA ARG A 35 -1.83 -3.86 13.83
C ARG A 35 -1.16 -3.81 15.19
N PHE A 36 0.17 -3.72 15.17
CA PHE A 36 0.98 -3.64 16.36
C PHE A 36 2.10 -2.64 16.09
N ASP A 37 2.28 -1.72 17.02
CA ASP A 37 3.31 -0.68 16.92
C ASP A 37 4.02 -0.60 18.29
N SER A 38 5.33 -0.76 18.32
CA SER A 38 6.04 -0.74 19.58
C SER A 38 6.14 0.66 20.19
N ASP A 39 5.75 1.66 19.43
CA ASP A 39 5.81 3.04 19.92
C ASP A 39 4.46 3.43 20.50
N ALA A 40 3.59 2.44 20.66
CA ALA A 40 2.26 2.68 21.21
C ALA A 40 2.22 2.84 22.72
N GLU A 41 1.04 3.21 23.21
CA GLU A 41 0.76 3.39 24.62
C GLU A 41 1.34 2.18 25.36
N ASN A 42 0.68 1.05 25.16
CA ASN A 42 1.05 -0.23 25.73
C ASN A 42 1.01 -1.12 24.51
N PRO A 43 2.15 -1.30 23.84
CA PRO A 43 2.15 -2.14 22.64
C PRO A 43 1.32 -3.40 22.77
N ARG A 44 0.44 -3.61 21.81
CA ARG A 44 -0.43 -4.78 21.75
C ARG A 44 -1.12 -4.74 20.38
N TYR A 45 -1.37 -5.91 19.78
CA TYR A 45 -2.05 -5.93 18.50
C TYR A 45 -3.47 -5.39 18.70
N GLU A 46 -3.97 -4.62 17.74
CA GLU A 46 -5.31 -4.03 17.81
C GLU A 46 -6.17 -4.30 16.59
N PRO A 47 -7.49 -4.44 16.77
CA PRO A 47 -8.41 -4.69 15.66
C PRO A 47 -8.41 -3.48 14.73
N ARG A 48 -8.33 -3.74 13.42
CA ARG A 48 -8.33 -2.69 12.41
C ARG A 48 -9.63 -2.78 11.65
N ALA A 49 -10.21 -3.98 11.65
CA ALA A 49 -11.46 -4.21 10.97
C ALA A 49 -12.51 -4.67 11.99
N PRO A 50 -13.79 -4.33 11.77
CA PRO A 50 -14.87 -4.73 12.68
C PRO A 50 -14.93 -6.22 13.01
N TRP A 51 -14.89 -7.08 11.99
CA TRP A 51 -14.97 -8.53 12.19
C TRP A 51 -13.88 -9.14 13.05
N MET A 52 -12.92 -8.33 13.50
CA MET A 52 -11.86 -8.82 14.36
C MET A 52 -12.22 -8.64 15.82
N GLU A 53 -13.26 -7.85 16.08
CA GLU A 53 -13.71 -7.60 17.44
C GLU A 53 -14.18 -8.86 18.22
N GLN A 54 -14.73 -9.85 17.51
CA GLN A 54 -15.21 -11.07 18.17
C GLN A 54 -14.09 -11.91 18.77
N GLU A 55 -12.84 -11.48 18.62
CA GLU A 55 -11.73 -12.24 19.15
C GLU A 55 -11.58 -11.99 20.65
N GLY A 56 -11.47 -13.08 21.39
CA GLY A 56 -11.35 -12.97 22.82
C GLY A 56 -9.98 -12.51 23.26
N PRO A 57 -9.81 -12.21 24.55
CA PRO A 57 -8.55 -11.76 25.15
C PRO A 57 -7.40 -12.73 24.84
N GLU A 58 -7.68 -14.03 24.89
CA GLU A 58 -6.63 -15.00 24.61
C GLU A 58 -6.03 -14.78 23.22
N TYR A 59 -6.87 -14.46 22.24
CA TYR A 59 -6.38 -14.22 20.89
C TYR A 59 -5.38 -13.08 20.87
N TRP A 60 -5.74 -11.97 21.49
CA TRP A 60 -4.85 -10.82 21.47
C TRP A 60 -3.55 -11.07 22.19
N GLU A 61 -3.65 -11.56 23.41
CA GLU A 61 -2.47 -11.83 24.22
C GLU A 61 -1.46 -12.67 23.44
N ARG A 62 -1.92 -13.79 22.88
CA ARG A 62 -1.01 -14.64 22.13
C ARG A 62 -0.38 -13.90 20.96
N GLU A 63 -1.22 -13.21 20.19
CA GLU A 63 -0.73 -12.45 19.06
C GLU A 63 0.29 -11.41 19.52
N THR A 64 -0.03 -10.68 20.58
CA THR A 64 0.87 -9.66 21.11
C THR A 64 2.20 -10.26 21.59
N GLN A 65 2.14 -11.47 22.12
CA GLN A 65 3.37 -12.09 22.60
C GLN A 65 4.31 -12.34 21.43
N LYS A 66 3.75 -12.80 20.31
CA LYS A 66 4.58 -13.04 19.14
C LYS A 66 5.26 -11.75 18.72
N ALA A 67 4.50 -10.65 18.76
CA ALA A 67 5.06 -9.35 18.39
C ALA A 67 6.27 -9.09 19.26
N LYS A 68 6.13 -9.33 20.57
CA LYS A 68 7.24 -9.13 21.47
C LYS A 68 8.39 -10.03 21.00
N GLY A 69 8.06 -11.17 20.41
CA GLY A 69 9.09 -12.06 19.90
C GLY A 69 9.77 -11.50 18.65
N GLN A 70 8.99 -10.89 17.77
CA GLN A 70 9.52 -10.30 16.55
C GLN A 70 10.37 -9.06 16.85
N GLU A 71 9.99 -8.28 17.86
CA GLU A 71 10.78 -7.12 18.21
C GLU A 71 12.20 -7.62 18.42
N GLN A 72 12.33 -8.71 19.17
CA GLN A 72 13.64 -9.29 19.45
C GLN A 72 14.30 -9.75 18.16
N TRP A 73 13.60 -10.63 17.43
CA TRP A 73 14.11 -11.15 16.17
C TRP A 73 14.64 -10.02 15.29
N PHE A 74 13.88 -8.93 15.19
CA PHE A 74 14.28 -7.79 14.36
C PHE A 74 15.39 -6.98 14.99
N ARG A 75 15.49 -7.04 16.31
CA ARG A 75 16.54 -6.31 16.99
C ARG A 75 17.88 -6.94 16.63
N VAL A 76 17.95 -8.28 16.69
CA VAL A 76 19.19 -9.00 16.36
C VAL A 76 19.51 -8.99 14.88
N SER A 77 18.51 -9.24 14.05
CA SER A 77 18.73 -9.22 12.61
C SER A 77 19.34 -7.89 12.21
N LEU A 78 18.77 -6.78 12.70
CA LEU A 78 19.30 -5.46 12.39
C LEU A 78 20.77 -5.40 12.76
N ARG A 79 21.06 -5.76 14.02
CA ARG A 79 22.43 -5.76 14.51
C ARG A 79 23.34 -6.58 13.60
N ASN A 80 22.87 -7.77 13.21
CA ASN A 80 23.68 -8.61 12.33
C ASN A 80 23.83 -7.98 10.94
N LEU A 81 22.75 -7.42 10.42
CA LEU A 81 22.81 -6.77 9.12
C LEU A 81 23.82 -5.64 9.16
N LEU A 82 23.76 -4.84 10.22
CA LEU A 82 24.65 -3.71 10.39
C LEU A 82 26.09 -4.15 10.12
N GLY A 83 26.42 -5.35 10.59
CA GLY A 83 27.75 -5.88 10.40
C GLY A 83 28.03 -6.34 8.99
N TYR A 84 27.23 -7.29 8.50
CA TYR A 84 27.40 -7.82 7.16
C TYR A 84 27.78 -6.73 6.16
N TYR A 85 27.19 -5.55 6.33
CA TYR A 85 27.44 -4.43 5.42
C TYR A 85 28.48 -3.43 5.88
N ASN A 86 29.28 -3.80 6.87
CA ASN A 86 30.32 -2.92 7.37
C ASN A 86 29.79 -1.49 7.61
N GLN A 87 28.58 -1.39 8.15
CA GLN A 87 27.99 -0.09 8.41
C GLN A 87 28.45 0.45 9.74
N SER A 88 28.40 1.77 9.89
CA SER A 88 28.85 2.42 11.10
C SER A 88 27.94 2.19 12.31
N ALA A 89 27.74 3.25 13.09
CA ALA A 89 26.90 3.19 14.27
C ALA A 89 26.12 4.50 14.37
N GLY A 90 25.01 4.47 15.10
CA GLY A 90 24.21 5.68 15.22
C GLY A 90 23.76 6.18 13.87
N GLY A 91 22.84 5.41 13.28
CA GLY A 91 22.27 5.75 11.98
C GLY A 91 20.88 5.19 11.97
N SER A 92 20.22 5.19 10.83
CA SER A 92 18.87 4.67 10.78
C SER A 92 18.75 3.66 9.63
N HIS A 93 18.32 2.44 9.92
CA HIS A 93 18.20 1.41 8.91
C HIS A 93 16.83 0.74 8.94
N THR A 94 16.47 0.12 7.83
CA THR A 94 15.17 -0.52 7.71
C THR A 94 15.24 -1.99 7.30
N LEU A 95 14.55 -2.82 8.06
CA LEU A 95 14.48 -4.24 7.73
C LEU A 95 12.99 -4.45 7.59
N GLN A 96 12.57 -5.11 6.52
CA GLN A 96 11.15 -5.36 6.30
C GLN A 96 10.92 -6.81 5.91
N GLN A 97 9.75 -7.31 6.30
CA GLN A 97 9.37 -8.68 5.99
C GLN A 97 7.94 -8.72 5.49
N MET A 98 7.67 -9.62 4.57
CA MET A 98 6.35 -9.84 4.01
C MET A 98 6.17 -11.34 4.15
N SER A 99 5.05 -11.76 4.71
CA SER A 99 4.78 -13.18 4.83
C SER A 99 3.29 -13.37 4.68
N GLY A 100 2.89 -14.55 4.23
CA GLY A 100 1.48 -14.83 4.06
C GLY A 100 1.20 -15.99 3.12
N CYS A 101 -0.05 -16.12 2.71
CA CYS A 101 -0.43 -17.19 1.83
C CYS A 101 -1.61 -16.77 0.95
N ASP A 102 -1.75 -17.41 -0.20
CA ASP A 102 -2.86 -17.11 -1.11
C ASP A 102 -3.70 -18.36 -1.36
N LEU A 103 -4.95 -18.14 -1.73
CA LEU A 103 -5.86 -19.23 -1.99
C LEU A 103 -6.63 -18.96 -3.27
N GLY A 104 -7.02 -20.03 -3.96
CA GLY A 104 -7.79 -19.87 -5.17
C GLY A 104 -9.24 -19.66 -4.76
N SER A 105 -10.15 -19.60 -5.72
CA SER A 105 -11.56 -19.42 -5.40
C SER A 105 -12.02 -20.59 -4.51
N ASP A 106 -11.38 -21.74 -4.63
CA ASP A 106 -11.76 -22.90 -3.84
C ASP A 106 -11.27 -22.88 -2.38
N TRP A 107 -10.45 -21.89 -2.04
CA TRP A 107 -9.90 -21.74 -0.69
C TRP A 107 -8.71 -22.66 -0.39
N ARG A 108 -8.23 -23.40 -1.40
CA ARG A 108 -7.07 -24.26 -1.21
C ARG A 108 -5.82 -23.40 -1.43
N LEU A 109 -4.65 -23.88 -1.02
CA LEU A 109 -3.44 -23.08 -1.19
C LEU A 109 -2.89 -22.93 -2.61
N LEU A 110 -2.54 -21.69 -2.95
CA LEU A 110 -2.02 -21.40 -4.26
C LEU A 110 -0.53 -21.11 -4.19
N ARG A 111 -0.11 -20.49 -3.10
CA ARG A 111 1.28 -20.14 -2.96
C ARG A 111 1.64 -19.73 -1.55
N GLY A 112 2.83 -20.12 -1.12
CA GLY A 112 3.33 -19.75 0.18
C GLY A 112 4.12 -18.47 -0.05
N TYR A 113 4.22 -17.62 0.96
CA TYR A 113 4.93 -16.36 0.78
C TYR A 113 5.82 -15.96 1.96
N LEU A 114 7.06 -15.63 1.66
CA LEU A 114 8.03 -15.20 2.67
C LEU A 114 9.17 -14.47 1.96
N GLN A 115 9.45 -13.24 2.41
CA GLN A 115 10.48 -12.44 1.78
C GLN A 115 10.95 -11.31 2.70
N PHE A 116 12.22 -10.93 2.57
CA PHE A 116 12.77 -9.87 3.39
C PHE A 116 13.47 -8.77 2.57
N ALA A 117 13.67 -7.61 3.20
CA ALA A 117 14.33 -6.49 2.53
C ALA A 117 15.06 -5.61 3.53
N TYR A 118 16.20 -5.08 3.10
CA TYR A 118 17.00 -4.22 3.96
C TYR A 118 17.34 -2.92 3.22
N GLU A 119 17.03 -1.79 3.86
CA GLU A 119 17.29 -0.48 3.26
C GLU A 119 16.47 -0.27 1.99
N GLY A 120 15.30 -0.90 1.94
CA GLY A 120 14.44 -0.76 0.78
C GLY A 120 14.74 -1.68 -0.38
N ARG A 121 15.69 -2.60 -0.22
CA ARG A 121 16.04 -3.52 -1.30
C ARG A 121 15.91 -5.00 -0.93
N ASP A 122 15.49 -5.82 -1.90
CA ASP A 122 15.33 -7.27 -1.65
C ASP A 122 16.57 -7.83 -0.97
N TYR A 123 16.38 -8.64 0.06
CA TYR A 123 17.54 -9.21 0.75
C TYR A 123 17.61 -10.72 0.52
N ILE A 124 16.57 -11.42 0.92
CA ILE A 124 16.51 -12.86 0.74
C ILE A 124 15.03 -13.18 0.79
N ALA A 125 14.63 -14.20 0.03
CA ALA A 125 13.23 -14.61 -0.03
C ALA A 125 13.12 -16.11 -0.20
N LEU A 126 12.04 -16.69 0.31
CA LEU A 126 11.83 -18.11 0.17
C LEU A 126 11.28 -18.28 -1.22
N ASN A 127 11.68 -19.35 -1.91
CA ASN A 127 11.20 -19.59 -3.26
C ASN A 127 9.83 -20.23 -3.22
N GLU A 128 9.11 -20.15 -4.33
CA GLU A 128 7.77 -20.70 -4.41
C GLU A 128 7.73 -22.16 -4.03
N ASP A 129 8.88 -22.83 -4.00
CA ASP A 129 8.91 -24.24 -3.64
C ASP A 129 8.85 -24.40 -2.13
N LEU A 130 9.05 -23.29 -1.42
CA LEU A 130 9.04 -23.28 0.03
C LEU A 130 10.06 -24.27 0.56
N LYS A 131 11.23 -24.29 -0.09
CA LYS A 131 12.31 -25.20 0.28
C LYS A 131 13.68 -24.62 -0.05
N THR A 132 13.73 -23.69 -1.01
CA THR A 132 15.00 -23.06 -1.40
C THR A 132 14.96 -21.55 -1.17
N TRP A 133 16.12 -20.92 -1.17
CA TRP A 133 16.17 -19.49 -0.98
C TRP A 133 16.91 -18.74 -2.10
N THR A 134 16.49 -17.51 -2.33
CA THR A 134 17.10 -16.65 -3.32
C THR A 134 17.67 -15.48 -2.55
N ALA A 135 18.98 -15.32 -2.62
CA ALA A 135 19.66 -14.24 -1.91
C ALA A 135 19.94 -13.08 -2.87
N ALA A 136 19.44 -11.90 -2.51
CA ALA A 136 19.65 -10.72 -3.35
C ALA A 136 21.12 -10.45 -3.64
N ASP A 137 21.95 -10.55 -2.60
CA ASP A 137 23.37 -10.29 -2.80
C ASP A 137 24.31 -11.10 -1.91
N MET A 138 25.58 -10.70 -1.97
CA MET A 138 26.66 -11.32 -1.22
C MET A 138 26.29 -11.63 0.22
N ALA A 139 26.05 -10.57 1.00
CA ALA A 139 25.68 -10.72 2.41
C ALA A 139 24.51 -11.67 2.63
N ALA A 140 23.54 -11.63 1.72
CA ALA A 140 22.39 -12.49 1.84
C ALA A 140 22.81 -13.95 1.69
N GLN A 141 23.97 -14.19 1.08
CA GLN A 141 24.47 -15.54 0.90
C GLN A 141 24.85 -16.09 2.26
N ILE A 142 25.25 -15.20 3.15
CA ILE A 142 25.65 -15.59 4.50
C ILE A 142 24.41 -16.10 5.22
N THR A 143 23.34 -15.32 5.12
CA THR A 143 22.09 -15.69 5.76
C THR A 143 21.57 -16.95 5.09
N ARG A 144 21.73 -17.02 3.79
CA ARG A 144 21.27 -18.19 3.05
C ARG A 144 21.95 -19.48 3.52
N ARG A 145 23.28 -19.51 3.51
CA ARG A 145 24.00 -20.70 3.93
C ARG A 145 23.73 -21.00 5.40
N LYS A 146 23.48 -19.94 6.16
CA LYS A 146 23.20 -20.04 7.59
C LYS A 146 21.81 -20.63 7.85
N TRP A 147 20.86 -20.30 6.99
CA TRP A 147 19.50 -20.79 7.14
C TRP A 147 19.30 -22.20 6.57
N GLU A 148 20.17 -22.60 5.65
CA GLU A 148 20.07 -23.93 5.05
C GLU A 148 20.57 -24.99 6.02
N GLN A 149 21.53 -24.62 6.85
CA GLN A 149 22.12 -25.51 7.84
C GLN A 149 21.10 -25.85 8.96
N SER A 150 20.25 -24.88 9.30
CA SER A 150 19.27 -25.07 10.36
C SER A 150 17.91 -25.55 9.86
N GLY A 151 17.71 -25.51 8.54
CA GLY A 151 16.46 -25.95 7.97
C GLY A 151 15.28 -25.03 8.23
N ALA A 152 15.53 -23.72 8.25
CA ALA A 152 14.49 -22.73 8.49
C ALA A 152 13.30 -22.93 7.55
N ALA A 153 13.60 -23.26 6.30
CA ALA A 153 12.59 -23.48 5.28
C ALA A 153 11.42 -24.34 5.73
N GLU A 154 11.70 -25.60 6.08
CA GLU A 154 10.68 -26.53 6.52
C GLU A 154 9.69 -25.94 7.52
N HIS A 155 10.22 -25.21 8.50
CA HIS A 155 9.36 -24.62 9.50
C HIS A 155 8.39 -23.60 8.88
N TYR A 156 8.92 -22.65 8.11
CA TYR A 156 8.08 -21.64 7.46
C TYR A 156 7.02 -22.32 6.59
N LYS A 157 7.44 -23.33 5.83
CA LYS A 157 6.52 -24.07 4.99
C LYS A 157 5.41 -24.66 5.86
N ALA A 158 5.80 -25.24 6.99
CA ALA A 158 4.82 -25.82 7.90
C ALA A 158 3.74 -24.78 8.16
N TYR A 159 4.18 -23.59 8.57
CA TYR A 159 3.28 -22.47 8.88
C TYR A 159 2.50 -22.04 7.66
N LEU A 160 3.22 -21.52 6.67
CA LEU A 160 2.63 -21.02 5.43
C LEU A 160 1.69 -22.01 4.77
N GLU A 161 2.02 -23.29 4.85
CA GLU A 161 1.20 -24.33 4.22
C GLU A 161 0.05 -24.81 5.07
N GLY A 162 0.07 -24.51 6.36
CA GLY A 162 -1.00 -24.97 7.21
C GLY A 162 -1.63 -23.90 8.08
N GLU A 163 -0.94 -23.50 9.14
CA GLU A 163 -1.42 -22.49 10.07
C GLU A 163 -1.95 -21.27 9.32
N CYS A 164 -1.16 -20.75 8.38
CA CYS A 164 -1.54 -19.58 7.59
C CYS A 164 -2.90 -19.73 6.94
N VAL A 165 -3.10 -20.87 6.28
CA VAL A 165 -4.34 -21.18 5.60
C VAL A 165 -5.50 -21.26 6.57
N GLU A 166 -5.25 -21.87 7.72
CA GLU A 166 -6.31 -22.01 8.73
C GLU A 166 -6.78 -20.65 9.22
N TRP A 167 -5.84 -19.82 9.66
CA TRP A 167 -6.22 -18.51 10.14
C TRP A 167 -6.96 -17.71 9.08
N LEU A 168 -6.49 -17.79 7.84
CA LEU A 168 -7.14 -17.06 6.77
C LEU A 168 -8.59 -17.52 6.63
N HIS A 169 -8.81 -18.82 6.76
CA HIS A 169 -10.16 -19.35 6.68
C HIS A 169 -11.05 -18.66 7.70
N ARG A 170 -10.65 -18.67 8.97
CA ARG A 170 -11.44 -18.05 10.02
C ARG A 170 -11.75 -16.59 9.71
N TYR A 171 -10.73 -15.81 9.35
CA TYR A 171 -10.95 -14.41 9.05
C TYR A 171 -11.93 -14.28 7.91
N LEU A 172 -11.80 -15.16 6.92
CA LEU A 172 -12.69 -15.12 5.78
C LEU A 172 -14.15 -15.39 6.14
N LYS A 173 -14.37 -16.30 7.09
CA LYS A 173 -15.73 -16.62 7.52
C LYS A 173 -16.30 -15.57 8.46
N ASN A 174 -15.45 -15.02 9.33
CA ASN A 174 -15.91 -14.02 10.28
C ASN A 174 -16.36 -12.71 9.67
N GLY A 175 -15.66 -12.22 8.66
CA GLY A 175 -16.04 -10.96 8.05
C GLY A 175 -16.44 -11.05 6.59
N ASN A 176 -16.92 -12.21 6.17
CA ASN A 176 -17.29 -12.42 4.78
C ASN A 176 -18.26 -11.39 4.20
N ALA A 177 -19.07 -10.78 5.05
CA ALA A 177 -20.01 -9.77 4.58
C ALA A 177 -19.21 -8.56 4.14
N THR A 178 -18.10 -8.32 4.86
CA THR A 178 -17.23 -7.18 4.59
C THR A 178 -16.28 -7.47 3.42
N LEU A 179 -15.50 -8.54 3.55
CA LEU A 179 -14.52 -8.93 2.54
C LEU A 179 -15.04 -9.35 1.17
N LEU A 180 -16.02 -10.25 1.17
CA LEU A 180 -16.58 -10.79 -0.06
C LEU A 180 -17.45 -9.85 -0.89
N ARG A 181 -17.50 -8.58 -0.53
CA ARG A 181 -18.32 -7.64 -1.28
C ARG A 181 -17.52 -7.00 -2.41
N THR A 182 -18.19 -6.61 -3.49
CA THR A 182 -17.53 -5.93 -4.58
C THR A 182 -18.32 -4.65 -4.88
N ASP A 183 -17.60 -3.56 -5.08
CA ASP A 183 -18.22 -2.29 -5.41
C ASP A 183 -17.77 -1.94 -6.82
N SER A 184 -18.71 -1.99 -7.77
CA SER A 184 -18.43 -1.68 -9.16
C SER A 184 -18.04 -0.22 -9.34
N PRO A 185 -17.11 0.04 -10.26
CA PRO A 185 -16.59 1.37 -10.60
C PRO A 185 -17.60 2.26 -11.32
N LYS A 186 -17.55 3.57 -11.06
CA LYS A 186 -18.41 4.52 -11.75
C LYS A 186 -17.42 5.33 -12.58
N ALA A 187 -17.71 5.51 -13.87
CA ALA A 187 -16.75 6.21 -14.72
C ALA A 187 -17.27 7.45 -15.45
N HIS A 188 -16.31 8.31 -15.81
CA HIS A 188 -16.61 9.52 -16.56
C HIS A 188 -15.30 10.02 -17.15
N VAL A 189 -15.40 10.83 -18.19
CA VAL A 189 -14.23 11.38 -18.88
C VAL A 189 -14.12 12.89 -18.80
N THR A 190 -12.93 13.40 -18.52
CA THR A 190 -12.70 14.85 -18.44
C THR A 190 -11.80 15.28 -19.61
N HIS A 191 -11.95 16.54 -20.02
CA HIS A 191 -11.19 17.11 -21.14
C HIS A 191 -10.27 18.24 -20.72
N HIS A 192 -9.01 18.21 -21.17
CA HIS A 192 -8.03 19.25 -20.82
C HIS A 192 -6.99 19.49 -21.92
N PRO A 193 -6.83 20.76 -22.32
CA PRO A 193 -5.85 21.13 -23.36
C PRO A 193 -4.44 20.76 -22.92
N ARG A 194 -3.63 20.29 -23.86
CA ARG A 194 -2.26 19.87 -23.57
C ARG A 194 -1.22 20.65 -24.38
N SER A 195 -1.48 20.82 -25.68
CA SER A 195 -0.58 21.56 -26.58
C SER A 195 -1.37 22.29 -27.66
N LYS A 196 -0.65 22.94 -28.57
CA LYS A 196 -1.27 23.71 -29.66
C LYS A 196 -2.44 22.99 -30.34
N GLY A 197 -2.19 21.77 -30.82
CA GLY A 197 -3.25 21.02 -31.46
C GLY A 197 -3.41 19.71 -30.71
N GLU A 198 -3.10 19.75 -29.42
CA GLU A 198 -3.15 18.57 -28.57
C GLU A 198 -4.03 18.71 -27.33
N VAL A 199 -4.77 17.64 -27.03
CA VAL A 199 -5.67 17.61 -25.90
C VAL A 199 -5.43 16.43 -24.96
N THR A 200 -5.85 16.59 -23.70
CA THR A 200 -5.73 15.52 -22.72
C THR A 200 -7.12 15.01 -22.38
N LEU A 201 -7.27 13.69 -22.41
CA LEU A 201 -8.53 13.03 -22.10
C LEU A 201 -8.28 12.16 -20.87
N ARG A 202 -9.07 12.37 -19.81
CA ARG A 202 -8.92 11.61 -18.57
C ARG A 202 -10.11 10.72 -18.26
N CYS A 203 -9.84 9.42 -18.10
CA CYS A 203 -10.92 8.48 -17.81
C CYS A 203 -10.93 8.18 -16.32
N TRP A 204 -12.08 8.35 -15.68
CA TRP A 204 -12.16 8.11 -14.24
C TRP A 204 -12.92 6.87 -13.78
N ALA A 205 -12.43 6.29 -12.70
CA ALA A 205 -13.06 5.13 -12.06
C ALA A 205 -13.06 5.48 -10.57
N LEU A 206 -14.25 5.50 -9.96
CA LEU A 206 -14.39 5.87 -8.56
C LEU A 206 -15.26 4.90 -7.78
N GLY A 207 -15.03 4.87 -6.46
CA GLY A 207 -15.79 4.01 -5.56
C GLY A 207 -15.81 2.50 -5.82
N PHE A 208 -14.73 1.94 -6.35
CA PHE A 208 -14.72 0.51 -6.59
C PHE A 208 -13.93 -0.25 -5.52
N TYR A 209 -14.20 -1.55 -5.42
CA TYR A 209 -13.53 -2.42 -4.46
C TYR A 209 -13.75 -3.85 -4.94
N PRO A 210 -12.70 -4.68 -4.91
CA PRO A 210 -11.34 -4.41 -4.43
C PRO A 210 -10.56 -3.45 -5.32
N ALA A 211 -9.38 -3.04 -4.86
CA ALA A 211 -8.55 -2.10 -5.58
C ALA A 211 -8.15 -2.50 -7.00
N ASP A 212 -8.21 -3.80 -7.30
CA ASP A 212 -7.81 -4.26 -8.62
C ASP A 212 -8.71 -3.73 -9.72
N ILE A 213 -8.11 -3.31 -10.83
CA ILE A 213 -8.91 -2.76 -11.94
C ILE A 213 -8.04 -2.55 -13.19
N THR A 214 -8.68 -2.49 -14.35
CA THR A 214 -7.96 -2.23 -15.59
C THR A 214 -8.64 -1.13 -16.41
N LEU A 215 -7.84 -0.14 -16.82
CA LEU A 215 -8.30 0.99 -17.62
C LEU A 215 -7.58 1.04 -18.95
N THR A 216 -8.32 1.19 -20.04
CA THR A 216 -7.68 1.25 -21.35
C THR A 216 -8.30 2.28 -22.27
N TRP A 217 -7.47 2.81 -23.16
CA TRP A 217 -7.96 3.73 -24.17
C TRP A 217 -7.80 2.99 -25.48
N ALA A 218 -8.75 3.14 -26.37
CA ALA A 218 -8.67 2.44 -27.65
C ALA A 218 -9.12 3.28 -28.83
N LEU A 219 -8.48 3.02 -29.96
CA LEU A 219 -8.81 3.65 -31.24
C LEU A 219 -9.39 2.45 -31.98
N ASN A 220 -10.51 2.64 -32.66
CA ASN A 220 -11.17 1.53 -33.35
C ASN A 220 -11.25 0.33 -32.38
N GLY A 221 -10.31 -0.59 -32.49
CA GLY A 221 -10.33 -1.75 -31.61
C GLY A 221 -8.97 -2.09 -31.05
N GLU A 222 -8.07 -1.10 -31.05
CA GLU A 222 -6.73 -1.32 -30.53
C GLU A 222 -6.41 -0.39 -29.36
N GLU A 223 -5.86 -0.98 -28.30
CA GLU A 223 -5.49 -0.25 -27.10
C GLU A 223 -4.36 0.74 -27.37
N LEU A 224 -4.35 1.83 -26.59
CA LEU A 224 -3.33 2.86 -26.73
C LEU A 224 -2.30 2.79 -25.61
N THR A 225 -1.02 2.71 -26.00
CA THR A 225 0.05 2.62 -25.03
C THR A 225 0.89 3.90 -25.01
N GLN A 226 0.95 4.59 -26.14
CA GLN A 226 1.73 5.83 -26.21
C GLN A 226 0.97 7.04 -25.66
N ASP A 227 1.74 7.98 -25.09
CA ASP A 227 1.20 9.20 -24.49
C ASP A 227 -0.08 8.89 -23.74
N MET A 228 -0.03 7.80 -22.98
CA MET A 228 -1.15 7.33 -22.20
C MET A 228 -0.65 7.17 -20.77
N GLU A 229 -1.01 8.11 -19.90
CA GLU A 229 -0.58 8.05 -18.51
C GLU A 229 -1.58 7.29 -17.61
N LEU A 230 -1.06 6.37 -16.81
CA LEU A 230 -1.89 5.60 -15.89
C LEU A 230 -1.35 5.95 -14.52
N VAL A 231 -2.21 6.45 -13.65
CA VAL A 231 -1.78 6.82 -12.31
C VAL A 231 -2.05 5.68 -11.31
N GLU A 232 -1.32 5.66 -10.21
CA GLU A 232 -1.44 4.62 -9.18
C GLU A 232 -2.79 4.63 -8.43
N THR A 233 -3.51 3.50 -8.46
CA THR A 233 -4.79 3.38 -7.79
C THR A 233 -4.65 3.95 -6.40
N ARG A 234 -5.58 4.82 -6.03
CA ARG A 234 -5.49 5.47 -4.72
C ARG A 234 -6.70 5.18 -3.84
N PRO A 235 -6.53 5.30 -2.53
CA PRO A 235 -7.64 5.04 -1.60
C PRO A 235 -8.56 6.24 -1.49
N ALA A 236 -9.86 5.99 -1.60
CA ALA A 236 -10.86 7.05 -1.50
C ALA A 236 -10.87 7.61 -0.08
N GLY A 237 -10.65 6.73 0.90
CA GLY A 237 -10.66 7.15 2.29
C GLY A 237 -11.78 6.46 3.05
N ASP A 238 -12.66 5.78 2.32
CA ASP A 238 -13.79 5.08 2.95
C ASP A 238 -13.87 3.62 2.53
N GLY A 239 -12.73 3.03 2.19
CA GLY A 239 -12.71 1.65 1.77
C GLY A 239 -12.75 1.42 0.26
N THR A 240 -13.17 2.42 -0.53
CA THR A 240 -13.22 2.26 -1.97
C THR A 240 -11.94 2.88 -2.53
N PHE A 241 -11.65 2.63 -3.81
CA PHE A 241 -10.45 3.17 -4.45
C PHE A 241 -10.76 3.99 -5.71
N GLN A 242 -9.79 4.79 -6.15
CA GLN A 242 -9.96 5.63 -7.34
C GLN A 242 -8.75 5.48 -8.28
N LYS A 243 -8.97 5.76 -9.55
CA LYS A 243 -7.89 5.67 -10.54
C LYS A 243 -8.36 6.33 -11.83
N TRP A 244 -7.41 6.72 -12.66
CA TRP A 244 -7.74 7.32 -13.94
C TRP A 244 -6.69 7.02 -15.00
N ALA A 245 -7.10 7.09 -16.26
CA ALA A 245 -6.21 6.83 -17.37
C ALA A 245 -6.35 7.98 -18.37
N SER A 246 -5.23 8.65 -18.64
CA SER A 246 -5.22 9.79 -19.56
C SER A 246 -4.45 9.49 -20.85
N VAL A 247 -4.88 10.13 -21.94
CA VAL A 247 -4.23 9.97 -23.25
C VAL A 247 -4.26 11.32 -23.99
N VAL A 248 -3.16 11.66 -24.67
CA VAL A 248 -3.08 12.92 -25.42
C VAL A 248 -3.69 12.77 -26.81
N VAL A 249 -4.80 13.47 -27.03
CA VAL A 249 -5.54 13.40 -28.28
C VAL A 249 -5.52 14.66 -29.15
N PRO A 250 -5.45 14.48 -30.48
CA PRO A 250 -5.44 15.60 -31.43
C PRO A 250 -6.74 16.37 -31.25
N LEU A 251 -6.65 17.70 -31.25
CA LEU A 251 -7.82 18.54 -31.08
C LEU A 251 -8.84 18.31 -32.20
N GLY A 252 -10.08 18.00 -31.80
CA GLY A 252 -11.13 17.78 -32.79
C GLY A 252 -11.43 16.34 -33.16
N LYS A 253 -10.64 15.39 -32.67
CA LYS A 253 -10.88 13.98 -33.00
C LYS A 253 -11.26 13.10 -31.81
N GLU A 254 -11.39 13.72 -30.65
CA GLU A 254 -11.74 13.00 -29.43
C GLU A 254 -12.74 11.85 -29.61
N GLN A 255 -13.84 12.14 -30.27
CA GLN A 255 -14.91 11.17 -30.50
C GLN A 255 -14.51 9.77 -30.94
N ASN A 256 -13.33 9.61 -31.52
CA ASN A 256 -12.92 8.30 -31.99
C ASN A 256 -12.14 7.49 -30.95
N TYR A 257 -12.10 8.02 -29.72
CA TYR A 257 -11.40 7.39 -28.62
C TYR A 257 -12.41 6.90 -27.59
N THR A 258 -12.14 5.72 -27.03
CA THR A 258 -13.04 5.15 -26.03
C THR A 258 -12.29 4.64 -24.81
N CYS A 259 -12.96 4.73 -23.67
CA CYS A 259 -12.37 4.27 -22.44
C CYS A 259 -13.06 2.98 -22.05
N ARG A 260 -12.33 2.09 -21.39
CA ARG A 260 -12.92 0.85 -20.93
C ARG A 260 -12.48 0.51 -19.53
N VAL A 261 -13.43 0.11 -18.71
CA VAL A 261 -13.16 -0.24 -17.34
C VAL A 261 -13.57 -1.70 -17.12
N TYR A 262 -12.60 -2.49 -16.66
CA TYR A 262 -12.81 -3.91 -16.38
C TYR A 262 -12.63 -4.08 -14.89
N HIS A 263 -13.60 -4.68 -14.23
CA HIS A 263 -13.51 -4.87 -12.79
C HIS A 263 -14.35 -6.04 -12.30
N GLU A 264 -13.83 -6.76 -11.31
CA GLU A 264 -14.50 -7.92 -10.71
C GLU A 264 -16.00 -7.80 -10.66
N GLY A 265 -16.47 -6.72 -10.04
CA GLY A 265 -17.91 -6.54 -9.89
C GLY A 265 -18.69 -6.07 -11.10
N LEU A 266 -18.04 -5.90 -12.24
CA LEU A 266 -18.79 -5.44 -13.40
C LEU A 266 -19.32 -6.58 -14.25
N PRO A 267 -20.64 -6.59 -14.49
CA PRO A 267 -21.28 -7.63 -15.29
C PRO A 267 -20.46 -7.75 -16.58
N GLU A 268 -20.21 -6.58 -17.17
CA GLU A 268 -19.43 -6.44 -18.40
C GLU A 268 -18.63 -5.14 -18.26
N PRO A 269 -17.59 -4.96 -19.08
CA PRO A 269 -16.76 -3.76 -19.03
C PRO A 269 -17.51 -2.46 -19.30
N LEU A 270 -17.05 -1.38 -18.68
CA LEU A 270 -17.66 -0.08 -18.89
C LEU A 270 -16.99 0.53 -20.11
N THR A 271 -17.79 1.07 -21.02
CA THR A 271 -17.25 1.69 -22.23
C THR A 271 -17.84 3.09 -22.34
N LEU A 272 -16.99 4.10 -22.39
CA LEU A 272 -17.48 5.47 -22.51
C LEU A 272 -16.55 6.38 -23.28
N ARG A 273 -17.11 7.48 -23.77
CA ARG A 273 -16.37 8.48 -24.52
C ARG A 273 -16.59 9.84 -23.89
N TRP A 274 -15.97 10.88 -24.46
CA TRP A 274 -16.09 12.22 -23.92
C TRP A 274 -17.45 12.91 -24.14
N GLU A 275 -18.27 12.90 -23.08
CA GLU A 275 -19.60 13.50 -23.03
C GLU A 275 -20.44 12.88 -21.91
N ILE B 1 18.49 2.56 0.22
CA ILE B 1 17.93 3.19 -1.02
C ILE B 1 17.11 4.40 -0.64
N GLN B 2 16.79 5.23 -1.63
CA GLN B 2 15.98 6.43 -1.40
C GLN B 2 14.98 6.60 -2.52
N ARG B 3 13.71 6.57 -2.18
CA ARG B 3 12.64 6.73 -3.17
C ARG B 3 11.80 7.97 -2.86
N THR B 4 11.85 8.94 -3.77
CA THR B 4 11.09 10.18 -3.62
C THR B 4 9.61 9.82 -3.54
N PRO B 5 8.85 10.57 -2.73
CA PRO B 5 7.42 10.28 -2.61
C PRO B 5 6.58 10.72 -3.81
N LYS B 6 5.54 9.94 -4.07
CA LYS B 6 4.57 10.22 -5.13
C LYS B 6 3.44 10.89 -4.36
N ILE B 7 2.95 12.01 -4.88
CA ILE B 7 1.91 12.76 -4.20
C ILE B 7 0.68 12.91 -5.07
N GLN B 8 -0.49 12.73 -4.46
CA GLN B 8 -1.73 12.91 -5.15
C GLN B 8 -2.66 13.60 -4.18
N VAL B 9 -3.23 14.73 -4.60
CA VAL B 9 -4.16 15.49 -3.77
C VAL B 9 -5.51 15.35 -4.42
N TYR B 10 -6.54 15.02 -3.63
CA TYR B 10 -7.87 14.83 -4.20
C TYR B 10 -8.95 14.75 -3.13
N SER B 11 -10.21 14.79 -3.55
CA SER B 11 -11.30 14.70 -2.59
C SER B 11 -11.98 13.32 -2.66
N ARG B 12 -12.40 12.82 -1.53
CA ARG B 12 -13.05 11.52 -1.49
C ARG B 12 -14.17 11.44 -2.51
N HIS B 13 -15.03 12.43 -2.53
CA HIS B 13 -16.13 12.44 -3.50
C HIS B 13 -15.88 13.58 -4.45
N PRO B 14 -16.52 13.52 -5.65
CA PRO B 14 -16.29 14.63 -6.57
C PRO B 14 -16.77 15.89 -5.85
N ALA B 15 -15.86 16.83 -5.65
CA ALA B 15 -16.15 18.06 -4.94
C ALA B 15 -17.42 18.76 -5.42
N GLU B 16 -18.02 19.53 -4.52
CA GLU B 16 -19.23 20.27 -4.81
C GLU B 16 -19.37 21.37 -3.76
N ASN B 17 -19.21 22.62 -4.20
CA ASN B 17 -19.28 23.76 -3.30
C ASN B 17 -20.45 23.72 -2.34
N GLY B 18 -20.15 23.98 -1.07
CA GLY B 18 -21.17 23.97 -0.04
C GLY B 18 -21.45 22.58 0.48
N LYS B 19 -20.96 21.57 -0.23
CA LYS B 19 -21.20 20.20 0.19
C LYS B 19 -20.01 19.60 0.92
N SER B 20 -20.24 19.15 2.15
CA SER B 20 -19.19 18.55 2.98
C SER B 20 -18.49 17.39 2.25
N ASN B 21 -17.17 17.41 2.28
CA ASN B 21 -16.38 16.40 1.60
C ASN B 21 -15.21 16.00 2.49
N PHE B 22 -14.19 15.45 1.86
CA PHE B 22 -12.97 15.02 2.53
C PHE B 22 -11.79 15.30 1.60
N LEU B 23 -10.76 15.95 2.12
CA LEU B 23 -9.57 16.27 1.35
C LEU B 23 -8.50 15.23 1.64
N ASN B 24 -8.06 14.52 0.60
CA ASN B 24 -7.05 13.47 0.73
C ASN B 24 -5.71 13.83 0.12
N CYS B 25 -4.65 13.36 0.75
CA CYS B 25 -3.32 13.53 0.22
C CYS B 25 -2.66 12.18 0.37
N TYR B 26 -2.48 11.51 -0.76
CA TYR B 26 -1.88 10.19 -0.77
C TYR B 26 -0.41 10.28 -1.16
N VAL B 27 0.45 10.10 -0.17
CA VAL B 27 1.89 10.13 -0.41
C VAL B 27 2.32 8.69 -0.45
N SER B 28 3.08 8.30 -1.48
CA SER B 28 3.49 6.92 -1.61
C SER B 28 4.77 6.70 -2.39
N GLY B 29 5.17 5.44 -2.49
CA GLY B 29 6.39 5.06 -3.20
C GLY B 29 7.65 5.61 -2.57
N PHE B 30 7.61 5.98 -1.30
CA PHE B 30 8.82 6.52 -0.68
C PHE B 30 9.57 5.58 0.26
N HIS B 31 10.84 5.89 0.47
CA HIS B 31 11.72 5.10 1.33
C HIS B 31 12.96 5.99 1.50
N PRO B 32 13.45 6.16 2.74
CA PRO B 32 12.94 5.60 4.00
C PRO B 32 11.58 6.13 4.45
N SER B 33 11.11 5.68 5.61
CA SER B 33 9.79 6.06 6.11
C SER B 33 9.57 7.40 6.87
N ASP B 34 10.61 8.07 7.37
CA ASP B 34 10.36 9.33 8.06
C ASP B 34 9.87 10.30 7.00
N ILE B 35 8.70 10.88 7.19
CA ILE B 35 8.19 11.79 6.20
C ILE B 35 7.28 12.85 6.82
N GLU B 36 7.33 14.07 6.28
CA GLU B 36 6.52 15.18 6.79
C GLU B 36 5.41 15.51 5.77
N VAL B 37 4.18 15.59 6.25
CA VAL B 37 3.05 15.88 5.37
C VAL B 37 2.06 16.84 6.01
N ASP B 38 1.69 17.89 5.27
CA ASP B 38 0.71 18.84 5.77
C ASP B 38 -0.31 19.12 4.67
N LEU B 39 -1.48 19.57 5.09
CA LEU B 39 -2.52 19.95 4.15
C LEU B 39 -2.62 21.47 4.24
N LEU B 40 -2.82 22.14 3.13
CA LEU B 40 -2.89 23.59 3.21
C LEU B 40 -4.24 24.14 2.77
N LYS B 41 -4.66 25.19 3.47
CA LYS B 41 -5.89 25.89 3.15
C LYS B 41 -5.40 27.32 2.88
N ASN B 42 -5.58 27.76 1.64
CA ASN B 42 -5.11 29.08 1.24
C ASN B 42 -3.69 29.31 1.75
N GLY B 43 -2.81 28.36 1.42
CA GLY B 43 -1.42 28.44 1.82
C GLY B 43 -1.07 28.21 3.27
N GLU B 44 -2.08 27.98 4.11
CA GLU B 44 -1.83 27.79 5.53
C GLU B 44 -2.08 26.37 6.02
N ARG B 45 -1.28 25.94 6.98
CA ARG B 45 -1.40 24.60 7.56
C ARG B 45 -2.72 24.42 8.32
N ILE B 46 -3.37 23.27 8.10
CA ILE B 46 -4.64 22.95 8.75
C ILE B 46 -4.41 22.12 10.00
N GLU B 47 -4.92 22.59 11.14
CA GLU B 47 -4.76 21.89 12.41
C GLU B 47 -5.53 20.56 12.41
N LYS B 48 -5.14 19.68 13.33
CA LYS B 48 -5.79 18.37 13.50
C LYS B 48 -6.10 17.61 12.23
N VAL B 49 -5.07 17.29 11.44
CA VAL B 49 -5.27 16.52 10.21
C VAL B 49 -4.97 15.05 10.52
N GLU B 50 -5.92 14.17 10.26
CA GLU B 50 -5.70 12.75 10.53
C GLU B 50 -4.98 12.08 9.39
N HIS B 51 -4.44 10.90 9.65
CA HIS B 51 -3.74 10.13 8.62
C HIS B 51 -3.65 8.65 8.95
N SER B 52 -3.40 7.85 7.91
CA SER B 52 -3.30 6.39 8.03
C SER B 52 -2.08 5.91 8.81
N ASP B 53 -2.09 4.62 9.15
CA ASP B 53 -0.99 3.98 9.87
C ASP B 53 0.02 3.63 8.81
N LEU B 54 1.31 3.78 9.12
CA LEU B 54 2.33 3.45 8.14
C LEU B 54 2.15 2.07 7.54
N SER B 55 2.43 1.94 6.24
CA SER B 55 2.32 0.68 5.52
C SER B 55 3.31 0.70 4.37
N PHE B 56 3.37 -0.38 3.62
CA PHE B 56 4.26 -0.44 2.47
C PHE B 56 3.76 -1.42 1.43
N SER B 57 4.27 -1.28 0.21
CA SER B 57 3.86 -2.11 -0.91
C SER B 57 4.81 -3.25 -1.26
N LYS B 58 4.41 -4.02 -2.27
CA LYS B 58 5.20 -5.15 -2.72
C LYS B 58 6.63 -4.77 -2.92
N ASP B 59 6.84 -3.62 -3.57
CA ASP B 59 8.19 -3.14 -3.86
C ASP B 59 8.93 -2.59 -2.63
N TRP B 60 8.30 -2.72 -1.46
CA TRP B 60 8.86 -2.28 -0.17
C TRP B 60 8.72 -0.80 0.14
N SER B 61 8.25 0.00 -0.82
CA SER B 61 8.14 1.43 -0.56
C SER B 61 6.92 1.72 0.33
N PHE B 62 7.03 2.78 1.12
CA PHE B 62 5.95 3.15 2.04
C PHE B 62 4.89 4.09 1.45
N TYR B 63 3.70 4.09 2.08
CA TYR B 63 2.58 4.94 1.69
C TYR B 63 1.68 5.27 2.89
N LEU B 64 1.10 6.47 2.85
CA LEU B 64 0.22 6.97 3.90
C LEU B 64 -0.90 7.76 3.26
N LEU B 65 -2.02 7.87 3.97
CA LEU B 65 -3.14 8.65 3.50
C LEU B 65 -3.41 9.77 4.48
N TYR B 66 -3.36 11.01 4.02
CA TYR B 66 -3.62 12.14 4.90
C TYR B 66 -4.97 12.70 4.51
N TYR B 67 -5.81 13.01 5.50
CA TYR B 67 -7.13 13.53 5.20
C TYR B 67 -7.71 14.43 6.28
N THR B 68 -8.72 15.18 5.90
CA THR B 68 -9.39 16.07 6.81
C THR B 68 -10.68 16.46 6.14
N GLU B 69 -11.72 16.64 6.93
CA GLU B 69 -13.00 17.04 6.39
C GLU B 69 -12.95 18.52 6.01
N PHE B 70 -13.72 18.89 4.99
CA PHE B 70 -13.76 20.27 4.56
C PHE B 70 -14.95 20.42 3.62
N THR B 71 -15.38 21.66 3.42
CA THR B 71 -16.50 21.93 2.54
C THR B 71 -15.97 22.87 1.49
N PRO B 72 -15.70 22.35 0.28
CA PRO B 72 -15.16 23.11 -0.84
C PRO B 72 -16.00 24.30 -1.27
N THR B 73 -15.35 25.44 -1.42
CA THR B 73 -16.03 26.64 -1.85
C THR B 73 -15.39 27.04 -3.17
N GLU B 74 -16.00 28.02 -3.84
CA GLU B 74 -15.51 28.50 -5.11
C GLU B 74 -14.03 28.92 -5.09
N LYS B 75 -13.68 29.83 -4.17
CA LYS B 75 -12.31 30.33 -4.11
C LYS B 75 -11.29 29.70 -3.15
N ASP B 76 -11.72 28.84 -2.24
CA ASP B 76 -10.77 28.25 -1.31
C ASP B 76 -9.75 27.35 -2.01
N GLU B 77 -8.48 27.68 -1.83
CA GLU B 77 -7.40 26.92 -2.44
C GLU B 77 -6.78 25.89 -1.48
N TYR B 78 -6.65 24.66 -1.93
CA TYR B 78 -6.05 23.64 -1.10
C TYR B 78 -4.80 23.06 -1.74
N ALA B 79 -3.93 22.51 -0.91
CA ALA B 79 -2.69 21.91 -1.39
C ALA B 79 -2.16 20.94 -0.32
N CYS B 80 -1.10 20.21 -0.66
CA CYS B 80 -0.48 19.24 0.24
C CYS B 80 1.01 19.52 0.24
N ARG B 81 1.59 19.69 1.42
CA ARG B 81 3.03 19.96 1.52
C ARG B 81 3.67 18.69 2.05
N VAL B 82 4.74 18.26 1.39
CA VAL B 82 5.45 17.03 1.74
C VAL B 82 6.94 17.25 1.77
N ASN B 83 7.59 16.79 2.84
CA ASN B 83 9.03 16.90 2.95
C ASN B 83 9.59 15.51 3.26
N HIS B 84 10.69 15.16 2.62
CA HIS B 84 11.30 13.85 2.80
C HIS B 84 12.79 14.00 2.45
N VAL B 85 13.63 13.15 3.03
CA VAL B 85 15.05 13.27 2.77
C VAL B 85 15.42 13.30 1.27
N THR B 86 14.57 12.76 0.40
CA THR B 86 14.87 12.80 -1.05
C THR B 86 14.62 14.16 -1.71
N LEU B 87 13.90 15.04 -1.03
CA LEU B 87 13.60 16.37 -1.55
C LEU B 87 14.56 17.40 -1.01
N SER B 88 14.91 18.37 -1.83
CA SER B 88 15.82 19.42 -1.39
C SER B 88 15.02 20.54 -0.74
N GLN B 89 13.72 20.52 -0.98
CA GLN B 89 12.82 21.54 -0.45
C GLN B 89 11.47 20.89 -0.38
N PRO B 90 10.59 21.38 0.50
CA PRO B 90 9.27 20.76 0.56
C PRO B 90 8.56 20.84 -0.79
N LYS B 91 7.91 19.74 -1.17
CA LYS B 91 7.18 19.67 -2.43
C LYS B 91 5.75 20.05 -2.14
N ILE B 92 5.21 20.99 -2.92
CA ILE B 92 3.84 21.43 -2.76
C ILE B 92 3.02 21.05 -3.97
N VAL B 93 1.94 20.32 -3.76
CA VAL B 93 1.06 19.92 -4.84
C VAL B 93 -0.31 20.49 -4.55
N LYS B 94 -0.79 21.32 -5.49
CA LYS B 94 -2.08 21.98 -5.38
C LYS B 94 -3.24 21.08 -5.74
N TRP B 95 -4.35 21.23 -5.02
CA TRP B 95 -5.53 20.42 -5.31
C TRP B 95 -6.27 20.95 -6.53
N ASP B 96 -6.39 20.12 -7.57
CA ASP B 96 -7.11 20.50 -8.78
C ASP B 96 -8.38 19.66 -8.84
N ARG B 97 -9.46 20.20 -8.30
CA ARG B 97 -10.75 19.52 -8.24
C ARG B 97 -11.22 18.93 -9.56
N ASP B 98 -10.88 19.57 -10.67
CA ASP B 98 -11.33 19.03 -11.94
C ASP B 98 -10.29 18.35 -12.77
N MET B 99 -9.37 17.64 -12.12
CA MET B 99 -8.34 16.94 -12.84
C MET B 99 -9.03 15.95 -13.79
N TYR C 6 12.80 -19.53 15.08
CA TYR C 6 13.43 -19.14 13.78
C TYR C 6 14.72 -18.37 13.98
N PRO C 7 15.76 -18.72 13.21
CA PRO C 7 17.07 -18.07 13.28
C PRO C 7 17.05 -16.68 12.67
N ALA C 8 17.85 -15.78 13.22
CA ALA C 8 17.93 -14.41 12.72
C ALA C 8 18.74 -14.35 11.43
N LEU C 9 18.70 -13.21 10.76
CA LEU C 9 19.43 -13.02 9.51
C LEU C 9 20.92 -13.19 9.76
#